data_8QX5
#
_entry.id   8QX5
#
_cell.length_a   59.468
_cell.length_b   59.468
_cell.length_c   183.780
_cell.angle_alpha   90.000
_cell.angle_beta   90.000
_cell.angle_gamma   90.000
#
_symmetry.space_group_name_H-M   'P 41 2 2'
#
loop_
_entity.id
_entity.type
_entity.pdbx_description
1 polymer 'Orange carotenoid-binding domain-containing protein'
2 non-polymer "beta,beta-carotene-4,4'-dione"
3 water water
#
_entity_poly.entity_id   1
_entity_poly.type   'polypeptide(L)'
_entity_poly.pdbx_seq_one_letter_code
;MGTFTSDSASTRFSQAFGIQTGDAVASTITVFQALSIDDQLAVLWYAYTEMGRSITPAATGAARLQLAEGLLNQIKQMSH
AEQLQVMRDLAAKNNTQVSRSYGILSNNTKLAFWYELSELMVKGFVVPVPTDYKISRDGSQVLEALKGLDFGQQITVLRK
VVADMGVDPLAHHHHHH
;
_entity_poly.pdbx_strand_id   A,B
#
loop_
_chem_comp.id
_chem_comp.type
_chem_comp.name
_chem_comp.formula
45D non-polymer beta,beta-carotene-4,4'-dione 'C40 H52 O2'
#
# COMPACT_ATOMS: atom_id res chain seq x y z
N SER A 14 4.73 20.46 16.27
CA SER A 14 4.43 19.10 15.82
C SER A 14 3.09 19.08 15.08
N GLN A 15 2.07 18.46 15.70
CA GLN A 15 0.72 18.44 15.15
C GLN A 15 -0.10 19.50 15.87
N ALA A 16 0.05 20.74 15.41
CA ALA A 16 -0.79 21.85 15.85
C ALA A 16 -1.45 22.59 14.71
N PHE A 17 -1.03 22.39 13.46
CA PHE A 17 -1.69 22.94 12.28
C PHE A 17 -2.23 21.84 11.37
N GLY A 18 -2.30 20.60 11.85
CA GLY A 18 -2.74 19.48 11.04
C GLY A 18 -1.68 18.91 10.12
N ILE A 19 -0.41 19.26 10.32
CA ILE A 19 0.65 18.84 9.42
C ILE A 19 1.25 17.52 9.91
N GLN A 20 1.83 16.78 8.97
CA GLN A 20 2.61 15.58 9.27
C GLN A 20 4.03 15.78 8.74
N THR A 21 5.01 15.56 9.61
CA THR A 21 6.40 15.69 9.18
C THR A 21 6.69 14.75 8.01
N GLY A 22 6.33 13.48 8.16
CA GLY A 22 6.56 12.48 7.13
C GLY A 22 6.56 11.09 7.74
N ASP A 23 6.11 10.10 6.97
CA ASP A 23 6.06 8.71 7.43
C ASP A 23 7.13 7.93 6.66
N ALA A 24 8.31 7.80 7.27
CA ALA A 24 9.43 7.16 6.58
C ALA A 24 9.09 5.71 6.21
N VAL A 25 8.43 4.97 7.10
CA VAL A 25 8.08 3.59 6.82
C VAL A 25 7.07 3.51 5.67
N ALA A 26 5.96 4.23 5.80
CA ALA A 26 4.94 4.18 4.76
C ALA A 26 5.48 4.64 3.41
N SER A 27 6.38 5.63 3.41
CA SER A 27 6.84 6.15 2.13
C SER A 27 7.82 5.18 1.47
N THR A 28 8.64 4.51 2.28
CA THR A 28 9.56 3.52 1.72
C THR A 28 8.82 2.35 1.10
N ILE A 29 7.77 1.87 1.77
CA ILE A 29 6.92 0.82 1.21
C ILE A 29 6.36 1.26 -0.13
N THR A 30 5.87 2.50 -0.22
CA THR A 30 5.23 2.95 -1.45
C THR A 30 6.22 3.00 -2.62
N VAL A 31 7.41 3.56 -2.37
CA VAL A 31 8.37 3.66 -3.47
C VAL A 31 8.91 2.28 -3.84
N PHE A 32 9.04 1.38 -2.86
CA PHE A 32 9.47 0.02 -3.20
C PHE A 32 8.47 -0.62 -4.13
N GLN A 33 7.17 -0.52 -3.81
CA GLN A 33 6.15 -1.21 -4.58
C GLN A 33 5.95 -0.61 -5.97
N ALA A 34 6.48 0.60 -6.22
CA ALA A 34 6.46 1.19 -7.55
C ALA A 34 7.64 0.75 -8.42
N LEU A 35 8.63 0.06 -7.84
CA LEU A 35 9.79 -0.36 -8.60
C LEU A 35 9.43 -1.46 -9.59
N SER A 36 10.25 -1.60 -10.62
CA SER A 36 10.18 -2.77 -11.50
C SER A 36 10.32 -4.06 -10.70
N ILE A 37 9.86 -5.17 -11.26
CA ILE A 37 9.96 -6.45 -10.56
C ILE A 37 11.42 -6.79 -10.30
N ASP A 38 12.29 -6.57 -11.28
CA ASP A 38 13.71 -6.90 -11.11
C ASP A 38 14.32 -6.09 -9.98
N ASP A 39 14.03 -4.79 -9.93
CA ASP A 39 14.54 -3.94 -8.84
C ASP A 39 13.99 -4.40 -7.48
N GLN A 40 12.72 -4.79 -7.43
CA GLN A 40 12.18 -5.27 -6.16
C GLN A 40 12.98 -6.47 -5.65
N LEU A 41 13.22 -7.46 -6.51
CA LEU A 41 13.94 -8.65 -6.09
C LEU A 41 15.38 -8.32 -5.70
N ALA A 42 16.04 -7.50 -6.51
CA ALA A 42 17.41 -7.08 -6.16
C ALA A 42 17.44 -6.33 -4.84
N VAL A 43 16.50 -5.39 -4.64
CA VAL A 43 16.55 -4.60 -3.41
C VAL A 43 16.29 -5.49 -2.20
N LEU A 44 15.35 -6.44 -2.31
CA LEU A 44 15.15 -7.41 -1.25
C LEU A 44 16.44 -8.18 -0.96
N TRP A 45 17.17 -8.60 -2.00
CA TRP A 45 18.42 -9.31 -1.74
C TRP A 45 19.43 -8.41 -1.03
N TYR A 46 19.61 -7.17 -1.50
CA TYR A 46 20.60 -6.31 -0.85
C TYR A 46 20.18 -5.95 0.57
N ALA A 47 18.88 -5.93 0.84
CA ALA A 47 18.43 -5.79 2.22
C ALA A 47 18.84 -7.01 3.06
N TYR A 48 18.73 -8.22 2.51
CA TYR A 48 19.18 -9.39 3.24
C TYR A 48 20.67 -9.33 3.55
N THR A 49 21.50 -8.90 2.58
CA THR A 49 22.92 -8.84 2.87
C THR A 49 23.22 -7.77 3.92
N GLU A 50 22.40 -6.74 4.02
CA GLU A 50 22.68 -5.66 4.97
C GLU A 50 22.16 -5.94 6.36
N MET A 51 21.23 -6.88 6.53
CA MET A 51 20.77 -7.25 7.86
C MET A 51 21.00 -8.72 8.18
N GLY A 52 21.62 -9.50 7.29
CA GLY A 52 21.75 -10.92 7.49
C GLY A 52 22.55 -11.30 8.72
N ARG A 53 23.36 -10.39 9.25
CA ARG A 53 24.09 -10.66 10.48
C ARG A 53 23.18 -10.56 11.70
N SER A 54 22.42 -9.47 11.80
CA SER A 54 21.57 -9.24 12.97
C SER A 54 20.53 -10.34 13.06
N ILE A 55 19.79 -10.52 11.98
CA ILE A 55 18.90 -11.65 11.95
C ILE A 55 19.70 -12.93 11.80
N THR A 56 19.48 -13.92 12.70
CA THR A 56 20.26 -15.16 12.72
C THR A 56 19.47 -16.35 12.16
N PRO A 57 20.15 -17.25 11.39
CA PRO A 57 19.44 -18.34 10.70
C PRO A 57 18.51 -19.16 11.59
N ALA A 58 18.75 -19.17 12.89
CA ALA A 58 17.84 -19.82 13.83
C ALA A 58 16.90 -18.83 14.51
N ALA A 59 17.16 -17.52 14.39
CA ALA A 59 16.27 -16.49 14.93
C ALA A 59 14.96 -16.39 14.15
N THR A 60 14.83 -17.11 13.03
CA THR A 60 13.61 -17.11 12.24
C THR A 60 12.50 -17.88 12.95
N GLY A 61 12.67 -19.20 13.08
CA GLY A 61 11.65 -20.02 13.68
C GLY A 61 10.30 -19.87 13.03
N ALA A 62 10.26 -19.59 11.73
CA ALA A 62 8.99 -19.39 11.04
C ALA A 62 9.04 -19.82 9.57
N ALA A 63 10.10 -20.50 9.13
CA ALA A 63 10.13 -21.08 7.78
C ALA A 63 10.14 -22.59 7.82
N ARG A 64 10.25 -23.20 9.00
CA ARG A 64 10.14 -24.63 9.16
C ARG A 64 8.72 -25.10 9.47
N LEU A 65 7.72 -24.22 9.30
CA LEU A 65 6.34 -24.66 9.38
C LEU A 65 5.95 -25.39 8.10
N GLN A 66 4.98 -26.29 8.25
CA GLN A 66 4.61 -27.20 7.17
C GLN A 66 4.33 -26.44 5.89
N LEU A 67 3.63 -25.32 6.01
CA LEU A 67 3.31 -24.53 4.82
C LEU A 67 4.57 -24.11 4.09
N ALA A 68 5.40 -23.29 4.74
CA ALA A 68 6.54 -22.71 4.02
C ALA A 68 7.51 -23.79 3.55
N GLU A 69 7.77 -24.80 4.40
CA GLU A 69 8.76 -25.83 4.07
C GLU A 69 8.48 -26.48 2.71
N GLY A 70 7.22 -26.81 2.46
CA GLY A 70 6.88 -27.48 1.22
C GLY A 70 7.10 -26.59 0.00
N LEU A 71 6.67 -25.32 0.11
CA LEU A 71 6.91 -24.39 -1.00
C LEU A 71 8.40 -24.18 -1.24
N LEU A 72 9.19 -24.11 -0.17
CA LEU A 72 10.62 -23.93 -0.33
C LEU A 72 11.25 -25.13 -1.02
N ASN A 73 10.85 -26.35 -0.61
CA ASN A 73 11.39 -27.53 -1.28
C ASN A 73 10.91 -27.63 -2.72
N GLN A 74 9.68 -27.22 -3.02
CA GLN A 74 9.22 -27.19 -4.41
C GLN A 74 10.12 -26.28 -5.26
N ILE A 75 10.41 -25.08 -4.76
CA ILE A 75 11.25 -24.15 -5.52
C ILE A 75 12.69 -24.67 -5.60
N LYS A 76 13.17 -25.28 -4.51
CA LYS A 76 14.53 -25.77 -4.48
C LYS A 76 14.79 -26.74 -5.63
N GLN A 77 13.79 -27.54 -6.01
CA GLN A 77 13.93 -28.56 -7.04
C GLN A 77 13.82 -28.01 -8.46
N MET A 78 13.34 -26.79 -8.65
CA MET A 78 13.21 -26.28 -10.01
C MET A 78 14.58 -25.88 -10.55
N SER A 79 14.64 -25.72 -11.88
CA SER A 79 15.80 -25.13 -12.52
C SER A 79 15.94 -23.67 -12.11
N HIS A 80 17.13 -23.10 -12.34
CA HIS A 80 17.35 -21.70 -11.98
C HIS A 80 16.36 -20.80 -12.69
N ALA A 81 16.12 -21.04 -13.98
CA ALA A 81 15.19 -20.21 -14.74
C ALA A 81 13.78 -20.31 -14.18
N GLU A 82 13.37 -21.51 -13.75
CA GLU A 82 12.04 -21.67 -13.17
C GLU A 82 11.98 -20.99 -11.81
N GLN A 83 13.05 -21.06 -11.03
CA GLN A 83 13.06 -20.42 -9.72
C GLN A 83 12.90 -18.91 -9.84
N LEU A 84 13.65 -18.30 -10.76
CA LEU A 84 13.52 -16.86 -10.95
C LEU A 84 12.11 -16.49 -11.40
N GLN A 85 11.51 -17.30 -12.29
CA GLN A 85 10.17 -16.98 -12.76
C GLN A 85 9.18 -17.02 -11.60
N VAL A 86 9.34 -18.00 -10.71
CA VAL A 86 8.51 -18.05 -9.51
C VAL A 86 8.65 -16.78 -8.68
N MET A 87 9.87 -16.29 -8.45
CA MET A 87 9.92 -15.09 -7.62
C MET A 87 9.46 -13.84 -8.36
N ARG A 88 9.66 -13.78 -9.68
CA ARG A 88 9.04 -12.68 -10.43
C ARG A 88 7.52 -12.76 -10.34
N ASP A 89 6.96 -13.97 -10.42
CA ASP A 89 5.50 -14.13 -10.33
C ASP A 89 4.98 -13.70 -8.97
N LEU A 90 5.74 -13.98 -7.90
CA LEU A 90 5.32 -13.52 -6.57
C LEU A 90 5.27 -12.00 -6.52
N ALA A 91 6.36 -11.37 -6.95
CA ALA A 91 6.43 -9.91 -6.88
C ALA A 91 5.36 -9.28 -7.78
N ALA A 92 5.10 -9.88 -8.93
CA ALA A 92 4.11 -9.36 -9.87
C ALA A 92 2.67 -9.75 -9.51
N LYS A 93 2.47 -10.56 -8.47
CA LYS A 93 1.15 -11.04 -8.09
C LYS A 93 0.47 -11.80 -9.23
N ASN A 94 1.24 -12.55 -10.01
CA ASN A 94 0.65 -13.40 -11.03
C ASN A 94 -0.03 -14.61 -10.39
N ASN A 95 -1.19 -14.99 -10.92
CA ASN A 95 -2.01 -16.06 -10.33
C ASN A 95 -1.51 -17.41 -10.84
N THR A 96 -0.59 -18.00 -10.09
CA THR A 96 -0.03 -19.32 -10.36
C THR A 96 -0.13 -20.13 -9.08
N GLN A 97 0.12 -21.44 -9.18
CA GLN A 97 0.02 -22.25 -7.96
C GLN A 97 1.01 -21.75 -6.90
N VAL A 98 2.24 -21.41 -7.27
CA VAL A 98 3.18 -20.97 -6.26
C VAL A 98 2.70 -19.68 -5.61
N SER A 99 2.13 -18.77 -6.40
CA SER A 99 1.62 -17.53 -5.85
C SER A 99 0.46 -17.78 -4.91
N ARG A 100 -0.42 -18.73 -5.25
CA ARG A 100 -1.54 -19.08 -4.39
C ARG A 100 -1.06 -19.73 -3.10
N SER A 101 -0.12 -20.67 -3.19
CA SER A 101 0.42 -21.29 -1.97
C SER A 101 1.08 -20.24 -1.10
N TYR A 102 1.80 -19.30 -1.71
CA TYR A 102 2.46 -18.26 -0.93
C TYR A 102 1.46 -17.39 -0.18
N GLY A 103 0.35 -17.03 -0.83
CA GLY A 103 -0.60 -16.09 -0.28
C GLY A 103 -1.39 -16.59 0.92
N ILE A 104 -1.36 -17.91 1.19
CA ILE A 104 -1.99 -18.44 2.40
C ILE A 104 -1.02 -18.56 3.54
N LEU A 105 0.24 -18.17 3.34
CA LEU A 105 1.15 -18.09 4.48
C LEU A 105 0.88 -16.83 5.29
N SER A 106 1.13 -16.94 6.59
CA SER A 106 1.05 -15.76 7.44
C SER A 106 2.20 -14.81 7.09
N ASN A 107 2.08 -13.56 7.54
CA ASN A 107 3.04 -12.54 7.11
C ASN A 107 4.46 -12.82 7.61
N ASN A 108 4.61 -13.25 8.87
CA ASN A 108 5.94 -13.63 9.34
C ASN A 108 6.45 -14.87 8.64
N THR A 109 5.55 -15.80 8.28
CA THR A 109 5.99 -16.94 7.50
C THR A 109 6.47 -16.52 6.12
N LYS A 110 5.83 -15.49 5.56
CA LYS A 110 6.28 -14.95 4.27
C LYS A 110 7.68 -14.39 4.39
N LEU A 111 7.93 -13.62 5.45
CA LEU A 111 9.26 -13.09 5.71
C LEU A 111 10.29 -14.22 5.89
N ALA A 112 9.94 -15.24 6.66
CA ALA A 112 10.87 -16.34 6.87
C ALA A 112 11.13 -17.08 5.57
N PHE A 113 10.09 -17.21 4.73
CA PHE A 113 10.25 -17.83 3.42
C PHE A 113 11.30 -17.11 2.58
N TRP A 114 11.20 -15.78 2.50
CA TRP A 114 12.20 -15.04 1.71
C TRP A 114 13.57 -15.18 2.33
N TYR A 115 13.66 -15.14 3.65
CA TYR A 115 14.96 -15.31 4.30
C TYR A 115 15.58 -16.66 3.95
N GLU A 116 14.78 -17.72 3.99
CA GLU A 116 15.31 -19.04 3.67
C GLU A 116 15.70 -19.16 2.19
N LEU A 117 14.99 -18.47 1.28
CA LEU A 117 15.42 -18.44 -0.12
C LEU A 117 16.83 -17.87 -0.22
N SER A 118 17.07 -16.77 0.48
CA SER A 118 18.41 -16.17 0.44
C SER A 118 19.47 -17.12 0.98
N GLU A 119 19.17 -17.82 2.07
CA GLU A 119 20.13 -18.79 2.60
C GLU A 119 20.40 -19.88 1.59
N LEU A 120 19.34 -20.36 0.93
CA LEU A 120 19.53 -21.37 -0.10
C LEU A 120 20.34 -20.84 -1.27
N MET A 121 20.21 -19.54 -1.60
CA MET A 121 21.09 -18.98 -2.62
C MET A 121 22.54 -18.94 -2.18
N VAL A 122 22.80 -18.48 -0.95
CA VAL A 122 24.15 -18.52 -0.42
C VAL A 122 24.71 -19.94 -0.47
N LYS A 123 23.89 -20.93 -0.15
CA LYS A 123 24.35 -22.31 -0.16
C LYS A 123 24.47 -22.90 -1.55
N GLY A 124 23.96 -22.23 -2.59
CA GLY A 124 24.07 -22.73 -3.94
C GLY A 124 22.92 -23.56 -4.43
N PHE A 125 21.80 -23.62 -3.70
CA PHE A 125 20.66 -24.44 -4.10
C PHE A 125 19.61 -23.66 -4.88
N VAL A 126 19.65 -22.33 -4.86
CA VAL A 126 18.66 -21.50 -5.55
C VAL A 126 19.42 -20.45 -6.35
N VAL A 127 18.90 -20.14 -7.53
CA VAL A 127 19.52 -19.22 -8.48
C VAL A 127 20.06 -17.99 -7.74
N PRO A 128 21.32 -17.60 -7.98
CA PRO A 128 21.87 -16.45 -7.28
C PRO A 128 21.53 -15.15 -7.97
N VAL A 129 21.62 -14.06 -7.21
CA VAL A 129 21.50 -12.74 -7.82
C VAL A 129 22.74 -12.48 -8.66
N PRO A 130 22.61 -12.16 -9.95
CA PRO A 130 23.80 -11.75 -10.72
C PRO A 130 24.43 -10.52 -10.09
N THR A 131 25.74 -10.59 -9.82
CA THR A 131 26.36 -9.39 -9.31
C THR A 131 26.58 -8.36 -10.41
N ASP A 132 26.34 -8.72 -11.68
CA ASP A 132 26.34 -7.72 -12.74
C ASP A 132 24.93 -7.30 -13.14
N TYR A 133 23.93 -7.60 -12.31
CA TYR A 133 22.64 -6.91 -12.42
C TYR A 133 22.77 -5.56 -11.72
N LYS A 134 22.52 -4.48 -12.46
CA LYS A 134 22.62 -3.13 -11.93
C LYS A 134 21.23 -2.65 -11.53
N ILE A 135 21.06 -2.30 -10.25
CA ILE A 135 19.80 -1.70 -9.83
C ILE A 135 19.66 -0.31 -10.44
N SER A 136 18.42 0.08 -10.77
CA SER A 136 18.21 1.38 -11.41
C SER A 136 18.38 2.52 -10.41
N ARG A 137 18.37 3.75 -10.94
CA ARG A 137 18.41 4.93 -10.07
C ARG A 137 17.29 4.87 -9.04
N ASP A 138 16.06 4.60 -9.48
CA ASP A 138 14.96 4.51 -8.53
C ASP A 138 15.23 3.42 -7.48
N GLY A 139 15.65 2.23 -7.92
CA GLY A 139 15.94 1.15 -6.98
C GLY A 139 17.02 1.52 -5.98
N SER A 140 18.07 2.21 -6.43
CA SER A 140 19.13 2.61 -5.53
C SER A 140 18.62 3.56 -4.47
N GLN A 141 17.74 4.49 -4.86
CA GLN A 141 17.12 5.40 -3.89
C GLN A 141 16.29 4.65 -2.86
N VAL A 142 15.57 3.61 -3.27
CA VAL A 142 14.79 2.82 -2.32
C VAL A 142 15.72 2.06 -1.39
N LEU A 143 16.78 1.46 -1.94
CA LEU A 143 17.73 0.74 -1.10
C LEU A 143 18.37 1.67 -0.07
N GLU A 144 18.78 2.87 -0.51
CA GLU A 144 19.36 3.84 0.42
C GLU A 144 18.37 4.23 1.50
N ALA A 145 17.10 4.47 1.14
CA ALA A 145 16.09 4.82 2.13
C ALA A 145 15.94 3.72 3.17
N LEU A 146 15.88 2.46 2.71
CA LEU A 146 15.69 1.35 3.65
C LEU A 146 16.91 1.22 4.56
N LYS A 147 18.12 1.39 4.01
CA LYS A 147 19.32 1.31 4.83
C LYS A 147 19.39 2.44 5.85
N GLY A 148 18.75 3.58 5.57
CA GLY A 148 18.69 4.68 6.51
C GLY A 148 17.63 4.57 7.59
N LEU A 149 16.71 3.62 7.47
CA LEU A 149 15.75 3.33 8.51
C LEU A 149 16.44 2.55 9.63
N ASP A 150 15.86 2.60 10.83
CA ASP A 150 16.41 1.77 11.88
C ASP A 150 15.97 0.32 11.69
N PHE A 151 16.63 -0.59 12.41
CA PHE A 151 16.36 -2.02 12.20
C PHE A 151 14.88 -2.34 12.36
N GLY A 152 14.21 -1.65 13.31
CA GLY A 152 12.81 -1.94 13.54
C GLY A 152 11.91 -1.47 12.41
N GLN A 153 12.17 -0.28 11.87
CA GLN A 153 11.39 0.17 10.72
C GLN A 153 11.68 -0.71 9.51
N GLN A 154 12.93 -1.15 9.37
CA GLN A 154 13.29 -2.07 8.30
C GLN A 154 12.41 -3.33 8.34
N ILE A 155 12.25 -3.92 9.52
CA ILE A 155 11.36 -5.08 9.63
C ILE A 155 9.96 -4.75 9.17
N THR A 156 9.46 -3.56 9.54
CA THR A 156 8.08 -3.24 9.23
C THR A 156 7.87 -3.07 7.74
N VAL A 157 8.80 -2.40 7.07
CA VAL A 157 8.71 -2.23 5.62
C VAL A 157 8.76 -3.59 4.92
N LEU A 158 9.76 -4.40 5.28
CA LEU A 158 9.95 -5.68 4.59
C LEU A 158 8.74 -6.57 4.76
N ARG A 159 8.14 -6.55 5.94
CA ARG A 159 6.97 -7.40 6.16
C ARG A 159 5.82 -7.00 5.24
N LYS A 160 5.54 -5.69 5.16
CA LYS A 160 4.43 -5.24 4.31
C LYS A 160 4.68 -5.55 2.84
N VAL A 161 5.90 -5.27 2.37
CA VAL A 161 6.26 -5.48 0.98
C VAL A 161 6.10 -6.95 0.58
N VAL A 162 6.59 -7.87 1.41
CA VAL A 162 6.40 -9.27 1.05
C VAL A 162 4.98 -9.76 1.34
N ALA A 163 4.26 -9.12 2.29
CA ALA A 163 2.89 -9.54 2.56
C ALA A 163 2.00 -9.37 1.34
N ASP A 164 2.25 -8.32 0.55
CA ASP A 164 1.44 -8.02 -0.62
C ASP A 164 1.79 -8.88 -1.82
N MET A 165 2.79 -9.74 -1.73
CA MET A 165 3.21 -10.53 -2.88
C MET A 165 2.34 -11.79 -3.02
N GLY A 166 2.41 -12.42 -4.18
CA GLY A 166 1.60 -13.59 -4.46
C GLY A 166 0.15 -13.23 -4.76
N VAL A 167 -0.75 -14.18 -4.51
CA VAL A 167 -2.18 -14.02 -4.78
C VAL A 167 -2.91 -13.95 -3.44
N ASP A 168 -3.77 -12.94 -3.29
CA ASP A 168 -4.64 -12.79 -2.13
C ASP A 168 -5.62 -13.96 -2.05
N PRO A 169 -5.63 -14.73 -0.97
CA PRO A 169 -6.57 -15.86 -0.90
C PRO A 169 -8.02 -15.44 -0.93
N LEU A 170 -8.35 -14.20 -0.55
CA LEU A 170 -9.72 -13.73 -0.67
C LEU A 170 -9.92 -12.84 -1.89
N ALA A 171 -9.15 -13.09 -2.95
CA ALA A 171 -9.28 -12.38 -4.21
C ALA A 171 -10.37 -12.99 -5.07
N PHE B 17 -0.15 -24.89 10.75
CA PHE B 17 0.26 -23.65 11.42
C PHE B 17 0.98 -22.74 10.44
N GLY B 18 1.32 -21.53 10.86
CA GLY B 18 1.92 -20.58 9.94
C GLY B 18 1.03 -20.23 8.77
N ILE B 19 -0.27 -20.49 8.88
CA ILE B 19 -1.22 -20.26 7.81
C ILE B 19 -2.05 -19.02 8.12
N GLN B 20 -2.73 -18.52 7.11
CA GLN B 20 -3.39 -17.23 7.15
C GLN B 20 -4.69 -17.32 6.37
N THR B 21 -5.80 -17.08 7.06
CA THR B 21 -7.12 -17.16 6.43
C THR B 21 -7.30 -16.08 5.38
N GLY B 22 -6.79 -14.89 5.64
CA GLY B 22 -7.03 -13.72 4.80
C GLY B 22 -7.18 -12.51 5.71
N ASP B 23 -6.74 -11.35 5.18
CA ASP B 23 -6.86 -10.06 5.87
C ASP B 23 -7.84 -9.22 5.05
N ALA B 24 -9.09 -9.12 5.53
CA ALA B 24 -10.12 -8.44 4.75
C ALA B 24 -9.80 -6.95 4.60
N VAL B 25 -9.20 -6.35 5.62
CA VAL B 25 -8.86 -4.92 5.57
C VAL B 25 -7.76 -4.68 4.56
N ALA B 26 -6.69 -5.47 4.63
CA ALA B 26 -5.59 -5.29 3.68
C ALA B 26 -6.06 -5.57 2.26
N SER B 27 -6.93 -6.58 2.10
CA SER B 27 -7.34 -6.98 0.77
C SER B 27 -8.25 -5.92 0.16
N THR B 28 -9.11 -5.31 0.97
CA THR B 28 -9.98 -4.24 0.46
C THR B 28 -9.17 -3.03 0.05
N ILE B 29 -8.15 -2.66 0.83
CA ILE B 29 -7.29 -1.57 0.44
C ILE B 29 -6.67 -1.84 -0.93
N THR B 30 -6.13 -3.05 -1.12
CA THR B 30 -5.42 -3.38 -2.35
C THR B 30 -6.33 -3.25 -3.58
N VAL B 31 -7.53 -3.81 -3.49
CA VAL B 31 -8.44 -3.73 -4.62
C VAL B 31 -8.90 -2.29 -4.85
N PHE B 32 -9.13 -1.53 -3.78
CA PHE B 32 -9.48 -0.13 -3.97
C PHE B 32 -8.39 0.62 -4.74
N GLN B 33 -7.13 0.44 -4.33
CA GLN B 33 -6.06 1.21 -4.94
C GLN B 33 -5.78 0.78 -6.37
N ALA B 34 -6.34 -0.35 -6.81
CA ALA B 34 -6.21 -0.78 -8.20
C ALA B 34 -7.35 -0.29 -9.09
N LEU B 35 -8.39 0.31 -8.50
CA LEU B 35 -9.51 0.88 -9.26
C LEU B 35 -9.04 2.06 -10.10
N SER B 36 -9.78 2.30 -11.18
CA SER B 36 -9.60 3.55 -11.92
C SER B 36 -9.77 4.75 -10.99
N ILE B 37 -9.25 5.91 -11.40
CA ILE B 37 -9.41 7.11 -10.59
C ILE B 37 -10.88 7.43 -10.39
N ASP B 38 -11.68 7.37 -11.48
CA ASP B 38 -13.10 7.71 -11.37
C ASP B 38 -13.80 6.80 -10.36
N ASP B 39 -13.52 5.48 -10.44
CA ASP B 39 -14.11 4.54 -9.50
C ASP B 39 -13.69 4.84 -8.07
N GLN B 40 -12.41 5.18 -7.86
CA GLN B 40 -11.94 5.52 -6.51
C GLN B 40 -12.75 6.68 -5.93
N LEU B 41 -12.90 7.75 -6.70
CA LEU B 41 -13.64 8.92 -6.23
C LEU B 41 -15.11 8.58 -5.96
N ALA B 42 -15.75 7.82 -6.88
CA ALA B 42 -17.15 7.46 -6.68
C ALA B 42 -17.34 6.58 -5.45
N VAL B 43 -16.44 5.60 -5.25
CA VAL B 43 -16.54 4.72 -4.09
C VAL B 43 -16.34 5.50 -2.80
N LEU B 44 -15.39 6.44 -2.78
CA LEU B 44 -15.25 7.32 -1.61
C LEU B 44 -16.53 8.07 -1.33
N TRP B 45 -17.19 8.60 -2.37
CA TRP B 45 -18.44 9.33 -2.16
C TRP B 45 -19.50 8.42 -1.57
N TYR B 46 -19.66 7.22 -2.13
CA TYR B 46 -20.70 6.36 -1.60
C TYR B 46 -20.31 5.85 -0.21
N ALA B 47 -19.01 5.78 0.09
CA ALA B 47 -18.60 5.50 1.47
C ALA B 47 -19.05 6.61 2.41
N TYR B 48 -18.93 7.86 1.96
CA TYR B 48 -19.38 8.98 2.78
C TYR B 48 -20.88 8.91 3.05
N THR B 49 -21.69 8.56 2.05
CA THR B 49 -23.13 8.52 2.30
C THR B 49 -23.49 7.46 3.34
N GLU B 50 -22.63 6.47 3.54
CA GLU B 50 -22.80 5.51 4.62
C GLU B 50 -22.14 5.98 5.92
N MET B 51 -20.86 6.34 5.88
CA MET B 51 -20.16 6.77 7.09
C MET B 51 -20.85 7.94 7.76
N GLY B 52 -21.42 8.84 6.96
CA GLY B 52 -21.99 10.08 7.47
C GLY B 52 -23.15 9.90 8.42
N ARG B 53 -23.74 8.70 8.48
CA ARG B 53 -24.74 8.40 9.49
C ARG B 53 -24.12 8.15 10.86
N SER B 54 -22.89 7.68 10.88
CA SER B 54 -22.21 7.33 12.12
C SER B 54 -21.27 8.41 12.62
N ILE B 55 -20.73 9.22 11.73
CA ILE B 55 -19.75 10.26 12.04
C ILE B 55 -20.30 11.57 11.51
N THR B 56 -20.52 12.52 12.41
CA THR B 56 -21.18 13.77 12.05
C THR B 56 -20.16 14.84 11.72
N PRO B 57 -20.63 15.98 11.19
CA PRO B 57 -19.71 17.10 10.94
C PRO B 57 -19.03 17.61 12.20
N ALA B 58 -19.56 17.30 13.39
CA ALA B 58 -18.88 17.72 14.60
C ALA B 58 -17.57 16.99 14.79
N ALA B 59 -17.35 15.88 14.09
CA ALA B 59 -16.11 15.16 14.27
C ALA B 59 -14.92 15.77 13.51
N THR B 60 -15.15 16.66 12.54
CA THR B 60 -14.15 16.96 11.53
C THR B 60 -13.36 18.24 11.81
N GLY B 61 -13.23 18.61 13.09
CA GLY B 61 -12.60 19.87 13.44
C GLY B 61 -11.21 20.03 12.90
N ALA B 62 -10.50 18.91 12.67
CA ALA B 62 -9.15 18.97 12.14
C ALA B 62 -9.09 19.72 10.82
N ALA B 63 -10.09 19.52 9.95
CA ALA B 63 -10.09 20.22 8.67
C ALA B 63 -10.21 21.72 8.84
N ARG B 64 -10.39 22.20 10.06
CA ARG B 64 -10.46 23.62 10.33
C ARG B 64 -9.12 24.17 10.78
N LEU B 65 -8.11 23.31 10.93
CA LEU B 65 -6.75 23.77 11.13
C LEU B 65 -6.30 24.54 9.89
N GLN B 66 -5.36 25.48 10.10
CA GLN B 66 -5.02 26.43 9.05
C GLN B 66 -4.59 25.74 7.76
N LEU B 67 -3.84 24.64 7.88
CA LEU B 67 -3.34 23.99 6.67
C LEU B 67 -4.50 23.46 5.83
N ALA B 68 -5.41 22.72 6.46
CA ALA B 68 -6.52 22.14 5.71
C ALA B 68 -7.51 23.21 5.29
N GLU B 69 -7.77 24.19 6.17
CA GLU B 69 -8.73 25.24 5.86
C GLU B 69 -8.35 25.99 4.60
N GLY B 70 -7.07 26.31 4.43
CA GLY B 70 -6.64 27.02 3.25
C GLY B 70 -6.83 26.21 1.99
N LEU B 71 -6.47 24.92 2.05
CA LEU B 71 -6.66 24.05 0.89
C LEU B 71 -8.13 23.90 0.53
N LEU B 72 -8.98 23.68 1.54
CA LEU B 72 -10.40 23.53 1.28
C LEU B 72 -10.99 24.80 0.67
N ASN B 73 -10.58 25.97 1.18
CA ASN B 73 -11.04 27.22 0.59
C ASN B 73 -10.53 27.37 -0.83
N GLN B 74 -9.27 27.01 -1.08
CA GLN B 74 -8.73 27.09 -2.43
C GLN B 74 -9.58 26.25 -3.39
N ILE B 75 -9.89 25.02 -2.99
CA ILE B 75 -10.73 24.16 -3.83
C ILE B 75 -12.14 24.69 -3.94
N LYS B 76 -12.71 25.15 -2.82
CA LYS B 76 -14.08 25.65 -2.86
C LYS B 76 -14.24 26.75 -3.91
N GLN B 77 -13.18 27.52 -4.13
CA GLN B 77 -13.23 28.68 -5.00
C GLN B 77 -12.92 28.35 -6.47
N MET B 78 -12.49 27.13 -6.80
CA MET B 78 -12.29 26.87 -8.23
C MET B 78 -13.61 26.54 -8.92
N SER B 79 -13.58 26.51 -10.26
CA SER B 79 -14.74 26.05 -11.00
C SER B 79 -14.95 24.55 -10.73
N HIS B 80 -16.13 24.05 -11.11
CA HIS B 80 -16.42 22.63 -10.92
C HIS B 80 -15.44 21.75 -11.68
N ALA B 81 -15.08 22.16 -12.89
CA ALA B 81 -14.13 21.38 -13.68
C ALA B 81 -12.75 21.33 -13.03
N GLU B 82 -12.27 22.45 -12.46
CA GLU B 82 -10.98 22.40 -11.79
C GLU B 82 -11.05 21.63 -10.49
N GLN B 83 -12.17 21.74 -9.76
CA GLN B 83 -12.34 20.93 -8.56
C GLN B 83 -12.20 19.45 -8.87
N LEU B 84 -12.92 18.97 -9.88
CA LEU B 84 -12.78 17.55 -10.22
C LEU B 84 -11.34 17.21 -10.60
N GLN B 85 -10.69 18.10 -11.37
CA GLN B 85 -9.32 17.81 -11.76
C GLN B 85 -8.40 17.64 -10.56
N VAL B 86 -8.56 18.48 -9.53
CA VAL B 86 -7.65 18.33 -8.39
C VAL B 86 -7.96 17.07 -7.59
N MET B 87 -9.23 16.68 -7.48
CA MET B 87 -9.55 15.41 -6.84
C MET B 87 -8.98 14.22 -7.63
N ARG B 88 -9.08 14.26 -8.97
CA ARG B 88 -8.42 13.22 -9.76
C ARG B 88 -6.91 13.24 -9.56
N ASP B 89 -6.32 14.45 -9.45
CA ASP B 89 -4.87 14.53 -9.27
C ASP B 89 -4.46 13.97 -7.91
N LEU B 90 -5.28 14.15 -6.88
CA LEU B 90 -5.00 13.54 -5.58
C LEU B 90 -5.01 12.02 -5.69
N ALA B 91 -6.09 11.46 -6.23
CA ALA B 91 -6.19 10.02 -6.33
C ALA B 91 -5.12 9.42 -7.24
N ALA B 92 -4.71 10.13 -8.30
CA ALA B 92 -3.69 9.63 -9.20
C ALA B 92 -2.28 9.91 -8.69
N LYS B 93 -2.13 10.63 -7.59
CA LYS B 93 -0.82 11.00 -7.06
C LYS B 93 -0.04 11.87 -8.04
N ASN B 94 -0.72 12.74 -8.78
CA ASN B 94 0.00 13.61 -9.72
C ASN B 94 0.69 14.73 -8.94
N ASN B 95 1.88 15.10 -9.40
CA ASN B 95 2.74 16.06 -8.68
C ASN B 95 2.31 17.49 -9.00
N THR B 96 1.28 17.93 -8.29
CA THR B 96 0.73 19.26 -8.46
C THR B 96 0.76 20.00 -7.13
N GLN B 97 0.51 21.31 -7.17
CA GLN B 97 0.51 22.06 -5.92
C GLN B 97 -0.53 21.54 -4.95
N VAL B 98 -1.76 21.25 -5.42
CA VAL B 98 -2.75 20.76 -4.47
C VAL B 98 -2.34 19.41 -3.91
N SER B 99 -1.75 18.54 -4.75
CA SER B 99 -1.28 17.26 -4.23
C SER B 99 -0.18 17.47 -3.20
N ARG B 100 0.68 18.46 -3.41
CA ARG B 100 1.78 18.68 -2.48
C ARG B 100 1.27 19.22 -1.14
N SER B 101 0.34 20.19 -1.19
CA SER B 101 -0.31 20.70 0.03
C SER B 101 -1.04 19.60 0.78
N TYR B 102 -1.78 18.77 0.06
CA TYR B 102 -2.49 17.67 0.69
C TYR B 102 -1.54 16.71 1.38
N GLY B 103 -0.39 16.45 0.74
CA GLY B 103 0.49 15.41 1.24
C GLY B 103 1.13 15.75 2.56
N ILE B 104 1.15 17.04 2.91
CA ILE B 104 1.68 17.50 4.19
C ILE B 104 0.69 17.38 5.34
N LEU B 105 -0.58 17.13 5.04
CA LEU B 105 -1.57 16.98 6.09
C LEU B 105 -1.39 15.65 6.81
N SER B 106 -1.74 15.64 8.10
CA SER B 106 -1.75 14.38 8.85
C SER B 106 -2.81 13.44 8.29
N ASN B 107 -2.67 12.15 8.60
CA ASN B 107 -3.58 11.18 7.99
C ASN B 107 -5.02 11.38 8.46
N ASN B 108 -5.22 11.67 9.74
CA ASN B 108 -6.56 11.97 10.21
C ASN B 108 -7.10 13.27 9.63
N THR B 109 -6.22 14.26 9.41
CA THR B 109 -6.67 15.49 8.76
C THR B 109 -7.05 15.27 7.29
N LYS B 110 -6.37 14.37 6.60
CA LYS B 110 -6.77 14.02 5.23
C LYS B 110 -8.18 13.45 5.20
N LEU B 111 -8.52 12.59 6.15
CA LEU B 111 -9.86 12.02 6.19
C LEU B 111 -10.91 13.08 6.50
N ALA B 112 -10.61 13.98 7.45
CA ALA B 112 -11.54 15.06 7.73
C ALA B 112 -11.67 16.00 6.54
N PHE B 113 -10.56 16.20 5.81
CA PHE B 113 -10.54 16.97 4.57
C PHE B 113 -11.52 16.39 3.54
N TRP B 114 -11.44 15.09 3.25
CA TRP B 114 -12.39 14.49 2.31
C TRP B 114 -13.83 14.57 2.84
N TYR B 115 -14.02 14.40 4.15
CA TYR B 115 -15.37 14.55 4.69
C TYR B 115 -15.91 15.95 4.41
N GLU B 116 -15.08 16.98 4.61
CA GLU B 116 -15.58 18.34 4.42
C GLU B 116 -15.82 18.66 2.94
N LEU B 117 -15.03 18.05 2.03
CA LEU B 117 -15.34 18.17 0.60
C LEU B 117 -16.73 17.65 0.30
N SER B 118 -17.09 16.47 0.85
CA SER B 118 -18.44 15.93 0.65
C SER B 118 -19.51 16.83 1.24
N GLU B 119 -19.29 17.37 2.43
CA GLU B 119 -20.21 18.35 2.99
C GLU B 119 -20.41 19.54 2.05
N LEU B 120 -19.32 20.08 1.50
CA LEU B 120 -19.44 21.18 0.55
C LEU B 120 -20.21 20.77 -0.69
N MET B 121 -20.09 19.51 -1.12
CA MET B 121 -20.84 19.06 -2.29
C MET B 121 -22.32 19.01 -1.97
N VAL B 122 -22.67 18.50 -0.78
CA VAL B 122 -24.07 18.46 -0.35
C VAL B 122 -24.65 19.87 -0.31
N LYS B 123 -23.87 20.83 0.18
CA LYS B 123 -24.30 22.22 0.29
C LYS B 123 -24.24 22.99 -1.04
N GLY B 124 -23.68 22.39 -2.09
CA GLY B 124 -23.70 23.03 -3.39
C GLY B 124 -22.49 23.87 -3.73
N PHE B 125 -21.41 23.77 -2.97
CA PHE B 125 -20.22 24.59 -3.22
C PHE B 125 -19.13 23.90 -4.02
N VAL B 126 -19.16 22.57 -4.10
CA VAL B 126 -18.15 21.77 -4.78
C VAL B 126 -18.89 20.83 -5.71
N VAL B 127 -18.32 20.58 -6.90
CA VAL B 127 -18.90 19.76 -7.96
C VAL B 127 -19.52 18.48 -7.39
N PRO B 128 -20.79 18.17 -7.71
CA PRO B 128 -21.40 16.96 -7.17
C PRO B 128 -21.05 15.71 -7.97
N VAL B 129 -21.21 14.56 -7.33
CA VAL B 129 -21.04 13.29 -8.06
C VAL B 129 -22.21 13.15 -9.03
N PRO B 130 -21.96 12.88 -10.32
CA PRO B 130 -23.07 12.56 -11.22
C PRO B 130 -23.77 11.29 -10.75
N THR B 131 -25.07 11.37 -10.55
CA THR B 131 -25.75 10.13 -10.22
C THR B 131 -25.92 9.22 -11.43
N ASP B 132 -25.58 9.69 -12.63
CA ASP B 132 -25.50 8.79 -13.77
C ASP B 132 -24.05 8.40 -14.10
N TYR B 133 -23.12 8.59 -13.17
CA TYR B 133 -21.84 7.89 -13.28
C TYR B 133 -22.02 6.47 -12.77
N LYS B 134 -21.69 5.48 -13.60
CA LYS B 134 -21.79 4.08 -13.25
C LYS B 134 -20.45 3.55 -12.79
N ILE B 135 -20.41 3.06 -11.56
CA ILE B 135 -19.19 2.41 -11.06
C ILE B 135 -19.02 1.07 -11.77
N SER B 136 -17.78 0.71 -12.08
CA SER B 136 -17.53 -0.53 -12.82
C SER B 136 -17.82 -1.75 -11.96
N ARG B 137 -17.76 -2.93 -12.59
CA ARG B 137 -17.93 -4.16 -11.81
C ARG B 137 -16.92 -4.22 -10.67
N ASP B 138 -15.65 -3.93 -10.97
CA ASP B 138 -14.60 -3.96 -9.96
C ASP B 138 -14.92 -2.99 -8.83
N GLY B 139 -15.33 -1.77 -9.18
CA GLY B 139 -15.63 -0.78 -8.15
C GLY B 139 -16.82 -1.18 -7.29
N SER B 140 -17.85 -1.77 -7.91
CA SER B 140 -19.01 -2.23 -7.14
C SER B 140 -18.60 -3.31 -6.15
N GLN B 141 -17.67 -4.19 -6.55
CA GLN B 141 -17.16 -5.21 -5.66
C GLN B 141 -16.42 -4.62 -4.48
N VAL B 142 -15.60 -3.60 -4.71
CA VAL B 142 -14.93 -2.92 -3.60
C VAL B 142 -15.96 -2.30 -2.67
N LEU B 143 -16.93 -1.59 -3.24
CA LEU B 143 -17.93 -0.94 -2.41
C LEU B 143 -18.68 -1.96 -1.56
N GLU B 144 -19.03 -3.11 -2.13
CA GLU B 144 -19.70 -4.15 -1.34
C GLU B 144 -18.77 -4.71 -0.27
N ALA B 145 -17.50 -4.96 -0.61
CA ALA B 145 -16.55 -5.40 0.40
C ALA B 145 -16.45 -4.40 1.55
N LEU B 146 -16.37 -3.11 1.22
CA LEU B 146 -16.26 -2.10 2.27
C LEU B 146 -17.52 -2.06 3.12
N LYS B 147 -18.69 -2.19 2.50
CA LYS B 147 -19.94 -2.13 3.26
C LYS B 147 -20.09 -3.31 4.21
N GLY B 148 -19.46 -4.44 3.92
CA GLY B 148 -19.51 -5.61 4.77
C GLY B 148 -18.53 -5.62 5.93
N LEU B 149 -17.56 -4.72 5.95
CA LEU B 149 -16.62 -4.63 7.06
C LEU B 149 -17.30 -3.95 8.25
N ASP B 150 -16.73 -4.11 9.44
CA ASP B 150 -17.29 -3.36 10.55
C ASP B 150 -16.77 -1.92 10.54
N PHE B 151 -17.41 -1.07 11.33
CA PHE B 151 -17.09 0.36 11.35
C PHE B 151 -15.59 0.62 11.50
N GLY B 152 -14.97 -0.03 12.50
CA GLY B 152 -13.54 0.17 12.71
C GLY B 152 -12.70 -0.26 11.52
N GLN B 153 -13.07 -1.38 10.90
CA GLN B 153 -12.36 -1.82 9.69
C GLN B 153 -12.56 -0.84 8.55
N GLN B 154 -13.79 -0.33 8.38
CA GLN B 154 -14.04 0.65 7.33
C GLN B 154 -13.17 1.89 7.51
N ILE B 155 -13.02 2.36 8.76
CA ILE B 155 -12.15 3.52 8.98
C ILE B 155 -10.71 3.20 8.65
N THR B 156 -10.23 2.02 9.07
CA THR B 156 -8.87 1.64 8.73
C THR B 156 -8.65 1.66 7.22
N VAL B 157 -9.60 1.10 6.47
CA VAL B 157 -9.48 1.08 5.01
C VAL B 157 -9.42 2.51 4.47
N LEU B 158 -10.39 3.34 4.85
CA LEU B 158 -10.48 4.68 4.28
C LEU B 158 -9.25 5.50 4.62
N ARG B 159 -8.76 5.39 5.85
CA ARG B 159 -7.61 6.21 6.24
C ARG B 159 -6.37 5.86 5.43
N LYS B 160 -6.11 4.55 5.22
CA LYS B 160 -4.96 4.16 4.43
C LYS B 160 -5.13 4.62 2.98
N VAL B 161 -6.33 4.44 2.43
CA VAL B 161 -6.54 4.81 1.04
C VAL B 161 -6.32 6.31 0.85
N VAL B 162 -6.90 7.14 1.72
CA VAL B 162 -6.66 8.57 1.54
C VAL B 162 -5.25 8.98 1.97
N ALA B 163 -4.58 8.24 2.86
CA ALA B 163 -3.21 8.61 3.24
C ALA B 163 -2.24 8.54 2.06
N ASP B 164 -2.44 7.60 1.14
CA ASP B 164 -1.55 7.40 0.01
C ASP B 164 -1.80 8.38 -1.14
N MET B 165 -2.80 9.23 -1.05
CA MET B 165 -3.20 10.18 -2.08
C MET B 165 -2.27 11.39 -2.10
N GLY B 166 -2.32 12.13 -3.20
CA GLY B 166 -1.44 13.28 -3.32
C GLY B 166 0.03 12.92 -3.46
N VAL B 167 0.90 13.82 -3.03
CA VAL B 167 2.35 13.71 -3.23
C VAL B 167 3.01 13.55 -1.87
N ASP B 168 3.84 12.54 -1.73
CA ASP B 168 4.54 12.27 -0.48
C ASP B 168 5.67 13.27 -0.27
N PRO B 169 5.66 14.05 0.81
CA PRO B 169 6.73 15.04 0.98
C PRO B 169 8.11 14.43 1.09
N LEU B 170 8.22 13.20 1.61
CA LEU B 170 9.51 12.53 1.69
C LEU B 170 10.02 12.07 0.34
N ALA B 171 9.15 12.02 -0.67
CA ALA B 171 9.56 11.65 -2.01
C ALA B 171 9.40 12.84 -2.96
O01 45D C . 9.62 -14.85 11.65
O02 45D C . 18.50 -13.17 -14.15
C03 45D C . 11.21 -11.40 12.53
C04 45D C . 17.47 -10.59 -11.03
C05 45D C . 10.99 -12.24 13.77
C06 45D C . 17.93 -10.09 -12.40
C07 45D C . 11.98 -12.26 11.50
C08 45D C . 17.90 -12.04 -10.82
C09 45D C . 10.39 -13.60 13.51
C10 45D C . 17.66 -11.05 -13.54
C11 45D C . 9.86 -11.01 11.99
C12 45D C . 11.86 -10.04 12.86
C13 45D C . 15.96 -10.34 -10.94
C14 45D C . 18.16 -9.74 -9.99
C15 45D C . 11.47 -13.47 11.20
C16 45D C . 18.27 -12.86 -11.83
C17 45D C . 10.42 -14.04 12.08
C18 45D C . 18.17 -12.43 -13.25
C19 45D C . 12.70 -11.42 10.54
C20 45D C . 17.71 -12.62 -9.48
C21 45D C . 12.01 -14.40 10.13
C22 45D C . 18.64 -14.31 -11.64
C23 45D C . 12.81 -11.63 9.22
C24 45D C . 17.08 -12.13 -8.40
C25 45D C . 13.45 -10.77 8.23
C26 45D C . 16.89 -12.88 -7.17
C27 45D C . 13.52 -9.32 8.58
C28 45D C . 17.08 -14.36 -7.20
C29 45D C . 13.90 -11.30 7.09
C30 45D C . 16.53 -12.28 -6.01
C31 45D C . 14.46 -10.61 5.96
C32 45D C . 16.27 -12.93 -4.76
C33 45D C . 14.63 -11.26 4.79
C34 45D C . 16.09 -12.25 -3.60
C35 45D C . 15.07 -10.73 3.52
C36 45D C . 15.78 -12.82 -2.30
C37 45D C . 15.21 -11.61 2.49
C38 45D C . 15.86 -11.99 -1.22
C39 45D C . 15.25 -9.24 3.40
C40 45D C . 15.40 -14.26 -2.24
C41 45D C . 15.54 -11.33 1.12
C42 45D C . 15.57 -12.29 0.16
H052 45D C . 10.42 -11.75 14.38
H051 45D C . 11.84 -12.35 14.23
H062 45D C . 17.48 -9.25 -12.59
H061 45D C . 18.87 -9.89 -12.36
H092 45D C . 10.85 -14.29 14.02
H091 45D C . 9.46 -13.63 13.79
H102 45D C . 18.10 -10.74 -14.37
H101 45D C . 16.72 -11.11 -13.75
H113 45D C . 9.17 -11.28 12.61
H111 45D C . 9.83 -10.04 11.86
H112 45D C . 9.71 -11.44 11.13
H122 45D C . 11.89 -9.46 12.09
H123 45D C . 11.38 -9.58 13.56
H121 45D C . 12.78 -10.15 13.17
H131 45D C . 15.60 -10.00 -11.77
H132 45D C . 15.48 -11.16 -10.73
H133 45D C . 15.75 -9.69 -10.25
H141 45D C . 17.62 -9.72 -9.18
H143 45D C . 19.03 -10.13 -9.78
H142 45D C . 18.28 -8.85 -10.32
H191 45D C . 13.13 -10.67 10.91
H201 45D C . 18.09 -13.47 -9.40
H212 45D C . 11.57 -14.25 9.28
H213 45D C . 11.87 -15.32 10.36
H211 45D C . 12.95 -14.27 9.99
H223 45D C . 19.59 -14.42 -11.51
H222 45D C . 18.38 -14.85 -12.40
H221 45D C . 18.21 -14.69 -10.87
H231 45D C . 12.43 -12.41 8.87
H241 45D C . 16.74 -11.27 -8.43
H273 45D C . 13.12 -8.78 7.88
H272 45D C . 13.04 -9.14 9.41
H271 45D C . 14.44 -9.04 8.70
H281 45D C . 16.91 -14.70 -8.09
H282 45D C . 17.98 -14.60 -6.94
H283 45D C . 16.46 -14.80 -6.59
H291 45D C . 13.85 -12.22 7.00
H301 45D C . 16.45 -11.36 -6.01
H311 45D C . 14.71 -9.72 6.05
H321 45D C . 16.24 -13.85 -4.74
H331 45D C . 14.44 -12.18 4.78
H341 45D C . 16.17 -11.32 -3.63
H371 45D C . 15.06 -12.50 2.68
H381 45D C . 16.13 -11.12 -1.38
H393 45D C . 14.41 -8.81 3.19
H392 45D C . 15.58 -8.86 4.23
H391 45D C . 15.89 -9.02 2.70
H401 45D C . 14.65 -14.39 -1.63
H402 45D C . 15.15 -14.60 -3.10
H403 45D C . 16.13 -14.80 -1.91
H411 45D C . 15.76 -10.46 0.88
H421 45D C . 15.39 -13.17 0.40
O01 45D D . -10.74 13.36 12.52
O02 45D D . -17.60 14.26 -14.03
C03 45D D . -11.63 9.37 12.52
C04 45D D . -16.80 11.36 -11.14
C05 45D D . -10.93 10.06 13.67
C06 45D D . -17.20 11.00 -12.58
C07 45D D . -12.47 10.34 11.68
C08 45D D . -17.22 12.79 -10.78
C09 45D D . -10.07 11.18 13.13
C10 45D D . -16.82 12.05 -13.61
C11 45D D . -12.54 8.34 13.15
C12 45D D . -10.65 8.55 11.66
C13 45D D . -15.30 11.16 -10.95
C14 45D D . -17.54 10.38 -10.24
C15 45D D . -12.10 11.66 11.64
C16 45D D . -17.47 13.71 -11.76
C17 45D D . -10.96 12.16 12.44
C18 45D D . -17.30 13.41 -13.20
C19 45D D . -13.05 9.64 10.52
C20 45D D . -16.97 13.30 -9.42
C21 45D D . -13.01 12.78 11.19
C22 45D D . -17.92 15.12 -11.46
C23 45D D . -13.73 10.25 9.52
C24 45D D . -16.73 12.65 -8.27
C25 45D D . -14.26 9.56 8.36
C26 45D D . -16.47 13.32 -7.01
C27 45D D . -14.50 8.09 8.43
C28 45D D . -16.49 14.81 -6.96
C29 45D D . -14.49 10.25 7.21
C30 45D D . -16.20 12.62 -5.89
C31 45D D . -14.94 9.75 5.95
C32 45D D . -15.91 13.13 -4.58
C33 45D D . -14.88 10.51 4.82
C34 45D D . -15.96 12.33 -3.49
C35 45D D . -15.23 10.13 3.49
C36 45D D . -15.68 12.71 -2.14
C37 45D D . -15.22 11.09 2.53
C38 45D D . -15.72 11.75 -1.17
C39 45D D . -15.52 8.70 3.19
C40 45D D . -15.30 14.12 -1.82
C41 45D D . -15.52 10.91 1.14
C42 45D D . -15.44 11.93 0.22
H052 45D D . -10.40 9.43 14.17
H051 45D D . -11.59 10.41 14.31
H062 45D D . -16.77 10.16 -12.82
H061 45D D . -18.16 10.85 -12.62
H092 45D D . -9.41 10.86 12.50
H091 45D D . -9.58 11.65 13.83
H102 45D D . -17.20 11.86 -14.48
H101 45D D . -15.86 12.11 -13.74
H113 45D D . -13.34 8.77 13.45
H111 45D D . -12.75 7.65 12.49
H112 45D D . -12.09 7.93 13.90
H122 45D D . -10.04 8.02 12.22
H123 45D D . -11.10 7.94 11.07
H121 45D D . -10.09 9.12 11.11
H131 45D D . -15.06 11.17 -10.01
H132 45D D . -15.02 10.30 -11.31
H133 45D D . -14.79 11.84 -11.40
H141 45D D . -18.35 10.79 -9.91
H143 45D D . -17.77 9.59 -10.75
H142 45D D . -16.97 10.14 -9.49
H191 45D D . -12.91 8.73 10.49
H201 45D D . -17.01 14.22 -9.37
H212 45D D . -12.98 13.53 11.80
H213 45D D . -13.93 12.50 11.12
H211 45D D . -12.75 13.12 10.31
H223 45D D . -17.45 15.77 -12.01
H222 45D D . -17.76 15.37 -10.54
H221 45D D . -18.87 15.24 -11.63
H231 45D D . -13.90 11.17 9.56
H241 45D D . -16.72 11.72 -8.26
H273 45D D . -15.30 7.90 8.95
H272 45D D . -14.63 7.72 7.53
H271 45D D . -13.75 7.63 8.84
H281 45D D . -17.36 15.16 -7.20
H282 45D D . -16.27 15.13 -6.06
H283 45D D . -15.83 15.18 -7.57
H291 45D D . -14.33 11.17 7.24
H301 45D D . -16.21 11.70 -5.95
H311 45D D . -15.28 8.88 5.90
H321 45D D . -15.68 14.03 -4.49
H331 45D D . -14.57 11.38 4.92
H341 45D D . -16.21 11.45 -3.62
H371 45D D . -14.99 11.95 2.79
H381 45D D . -15.96 10.89 -1.43
H393 45D D . -16.23 8.61 2.53
H392 45D D . -14.73 8.25 2.84
H391 45D D . -15.80 8.22 4.00
H401 45D D . -16.08 14.69 -1.80
H402 45D D . -14.86 14.18 -0.97
H403 45D D . -14.70 14.48 -2.49
H411 45D D . -15.77 10.07 0.84
H421 45D D . -15.20 12.77 0.53
#